data_4WXM
#
_entry.id   4WXM
#
_cell.length_a   144.397
_cell.length_b   58.451
_cell.length_c   92.213
_cell.angle_alpha   90.00
_cell.angle_beta   118.35
_cell.angle_gamma   90.00
#
_symmetry.space_group_name_H-M   'C 1 2 1'
#
loop_
_entity.id
_entity.type
_entity.pdbx_description
1 polymer 'Transcriptional regulator FleQ'
2 water water
#
_entity_poly.entity_id   1
_entity_poly.type   'polypeptide(L)'
_entity_poly.pdbx_seq_one_letter_code
;GPGSMWRETKLLLIDDNLDRSRDLAVILNFLGEDQLTCNSEDWREVAAGLSNSREALCVLLGSVESKGGAVELLKQLASW
DEYLPILLIGEPAPADWPEELRRRVLASLEMPPSYNKLLDSLHRAQVYREMYDQARERGRSRE
;
_entity_poly.pdbx_strand_id   A,B,C,D,E
#
# COMPACT_ATOMS: atom_id res chain seq x y z
N GLU A 8 -25.66 -4.32 1.89
CA GLU A 8 -25.72 -3.13 2.74
C GLU A 8 -25.32 -3.50 4.17
N THR A 9 -24.02 -3.60 4.44
CA THR A 9 -23.57 -4.11 5.74
C THR A 9 -22.86 -3.08 6.63
N LYS A 10 -22.93 -3.31 7.93
CA LYS A 10 -22.28 -2.47 8.93
C LYS A 10 -21.17 -3.22 9.65
N LEU A 11 -20.07 -2.52 9.94
CA LEU A 11 -18.98 -3.08 10.72
C LEU A 11 -19.37 -3.07 12.19
N LEU A 12 -18.87 -4.01 12.97
CA LEU A 12 -19.21 -4.01 14.38
C LEU A 12 -17.96 -3.72 15.18
N LEU A 13 -17.91 -2.52 15.76
CA LEU A 13 -16.75 -1.98 16.46
C LEU A 13 -16.85 -2.22 17.96
N ILE A 14 -16.18 -3.25 18.46
CA ILE A 14 -16.28 -3.58 19.87
C ILE A 14 -14.93 -3.35 20.55
N ASP A 15 -14.87 -2.30 21.36
CA ASP A 15 -13.60 -1.91 21.96
C ASP A 15 -13.81 -1.13 23.26
N ASP A 16 -13.18 -1.59 24.35
CA ASP A 16 -13.41 -0.97 25.65
C ASP A 16 -12.56 0.28 25.90
N ASN A 17 -11.47 0.43 25.14
CA ASN A 17 -10.68 1.64 25.19
C ASN A 17 -11.43 2.71 24.39
N LEU A 18 -12.08 3.62 25.12
CA LEU A 18 -12.99 4.61 24.55
C LEU A 18 -12.32 5.59 23.60
N ASP A 19 -11.10 5.98 23.95
CA ASP A 19 -10.38 6.96 23.14
C ASP A 19 -10.05 6.39 21.77
N ARG A 20 -9.47 5.19 21.76
CA ARG A 20 -9.16 4.50 20.51
C ARG A 20 -10.43 4.30 19.67
N SER A 21 -11.51 3.92 20.33
CA SER A 21 -12.77 3.74 19.64
C SER A 21 -13.18 4.98 18.86
N ARG A 22 -13.22 6.12 19.55
CA ARG A 22 -13.55 7.40 18.95
C ARG A 22 -12.69 7.71 17.72
N ASP A 23 -11.40 7.37 17.79
CA ASP A 23 -10.49 7.58 16.66
C ASP A 23 -10.79 6.61 15.53
N LEU A 24 -11.11 5.38 15.90
CA LEU A 24 -11.39 4.34 14.92
C LEU A 24 -12.64 4.72 14.13
N ALA A 25 -13.65 5.24 14.81
CA ALA A 25 -14.87 5.65 14.14
C ALA A 25 -14.60 6.80 13.18
N VAL A 26 -13.72 7.71 13.58
CA VAL A 26 -13.38 8.84 12.73
C VAL A 26 -12.78 8.35 11.44
N ILE A 27 -11.88 7.38 11.54
CA ILE A 27 -11.22 6.85 10.37
C ILE A 27 -12.22 6.10 9.49
N LEU A 28 -13.09 5.28 10.11
CA LEU A 28 -14.04 4.49 9.37
C LEU A 28 -15.06 5.37 8.65
N ASN A 29 -15.46 6.48 9.27
CA ASN A 29 -16.40 7.39 8.62
C ASN A 29 -15.70 8.07 7.44
N PHE A 30 -14.46 8.49 7.67
CA PHE A 30 -13.64 9.09 6.63
C PHE A 30 -13.57 8.13 5.46
N LEU A 31 -13.42 6.85 5.76
CA LEU A 31 -13.35 5.80 4.75
C LEU A 31 -14.72 5.46 4.14
N GLY A 32 -15.77 6.09 4.62
CA GLY A 32 -17.10 5.76 4.16
C GLY A 32 -17.52 4.33 4.48
N GLU A 33 -17.04 3.80 5.60
CA GLU A 33 -17.39 2.45 6.04
C GLU A 33 -18.36 2.55 7.20
N ASP A 34 -19.55 2.00 7.05
CA ASP A 34 -20.52 2.10 8.13
C ASP A 34 -20.16 1.17 9.27
N GLN A 35 -20.52 1.57 10.48
CA GLN A 35 -20.16 0.79 11.64
C GLN A 35 -21.05 1.13 12.82
N LEU A 36 -21.25 0.15 13.68
CA LEU A 36 -21.92 0.37 14.95
C LEU A 36 -20.85 0.32 16.03
N THR A 37 -20.97 1.20 17.01
CA THR A 37 -19.93 1.33 18.02
C THR A 37 -20.41 0.80 19.36
N CYS A 38 -19.82 -0.30 19.83
CA CYS A 38 -20.22 -0.85 21.12
C CYS A 38 -19.02 -1.26 21.96
N ASN A 39 -19.26 -1.50 23.25
CA ASN A 39 -18.25 -2.08 24.11
C ASN A 39 -18.58 -3.53 24.43
N SER A 40 -17.88 -4.13 25.38
CA SER A 40 -18.01 -5.56 25.61
C SER A 40 -19.28 -5.79 26.41
N GLU A 41 -19.67 -4.75 27.13
CA GLU A 41 -20.78 -4.82 28.06
C GLU A 41 -22.12 -4.70 27.35
N ASP A 42 -22.16 -3.90 26.28
CA ASP A 42 -23.43 -3.55 25.66
C ASP A 42 -23.57 -4.01 24.23
N TRP A 43 -22.59 -4.74 23.72
CA TRP A 43 -22.56 -5.05 22.29
C TRP A 43 -23.81 -5.78 21.78
N ARG A 44 -24.48 -6.54 22.64
CA ARG A 44 -25.69 -7.28 22.25
C ARG A 44 -26.86 -6.35 21.91
N GLU A 45 -27.15 -5.43 22.83
CA GLU A 45 -28.12 -4.37 22.64
C GLU A 45 -27.90 -3.61 21.34
N VAL A 46 -26.70 -3.06 21.18
CA VAL A 46 -26.40 -2.29 19.98
C VAL A 46 -26.55 -3.15 18.74
N ALA A 47 -26.08 -4.39 18.80
CA ALA A 47 -26.23 -5.29 17.66
C ALA A 47 -27.72 -5.67 17.40
N ALA A 48 -28.59 -5.49 18.37
CA ALA A 48 -30.00 -5.81 18.14
C ALA A 48 -30.64 -4.76 17.23
N GLY A 49 -29.91 -3.66 17.01
CA GLY A 49 -30.35 -2.60 16.12
C GLY A 49 -30.40 -3.06 14.67
N LEU A 50 -29.53 -4.01 14.33
CA LEU A 50 -29.48 -4.55 12.98
C LEU A 50 -30.68 -5.45 12.75
N SER A 51 -31.11 -5.55 11.49
CA SER A 51 -32.19 -6.45 11.10
C SER A 51 -31.90 -7.86 11.61
N ASN A 52 -30.90 -8.50 11.01
CA ASN A 52 -30.34 -9.72 11.57
C ASN A 52 -28.80 -9.63 11.64
N SER A 53 -28.17 -10.74 12.02
CA SER A 53 -26.75 -10.76 12.30
C SER A 53 -25.91 -10.65 11.01
N ARG A 54 -26.39 -11.21 9.90
CA ARG A 54 -25.71 -11.12 8.60
C ARG A 54 -25.53 -9.69 8.08
N GLU A 55 -26.11 -8.72 8.77
CA GLU A 55 -25.96 -7.33 8.41
C GLU A 55 -24.58 -6.86 8.87
N ALA A 56 -24.03 -7.61 9.82
CA ALA A 56 -22.72 -7.37 10.36
C ALA A 56 -21.67 -8.07 9.52
N LEU A 57 -20.87 -7.29 8.81
CA LEU A 57 -19.84 -7.82 7.93
C LEU A 57 -18.68 -8.44 8.68
N CYS A 58 -18.29 -7.80 9.78
CA CYS A 58 -17.06 -8.16 10.46
C CYS A 58 -17.08 -7.53 11.83
N VAL A 59 -16.34 -8.10 12.76
CA VAL A 59 -16.13 -7.40 14.04
C VAL A 59 -14.76 -6.74 14.06
N LEU A 60 -14.73 -5.45 14.40
CA LEU A 60 -13.48 -4.77 14.69
C LEU A 60 -13.29 -4.79 16.18
N LEU A 61 -12.28 -5.54 16.62
CA LEU A 61 -12.12 -5.81 18.03
C LEU A 61 -10.86 -5.19 18.61
N GLY A 62 -11.05 -4.38 19.65
CA GLY A 62 -9.93 -3.86 20.42
C GLY A 62 -9.76 -4.63 21.72
N SER A 63 -10.06 -3.99 22.83
CA SER A 63 -9.77 -4.58 24.14
C SER A 63 -11.05 -4.89 24.90
N VAL A 64 -11.15 -6.13 25.37
CA VAL A 64 -12.29 -6.56 26.19
C VAL A 64 -11.94 -6.59 27.67
N GLU A 65 -12.53 -5.66 28.43
CA GLU A 65 -12.28 -5.57 29.86
C GLU A 65 -13.40 -6.22 30.66
N SER A 66 -14.11 -7.16 30.04
CA SER A 66 -15.19 -7.87 30.72
C SER A 66 -14.72 -9.19 31.30
N LYS A 67 -15.60 -9.82 32.09
CA LYS A 67 -15.29 -11.09 32.71
C LYS A 67 -15.11 -12.17 31.66
N GLY A 68 -13.89 -12.67 31.52
CA GLY A 68 -13.62 -13.73 30.56
C GLY A 68 -12.87 -13.24 29.33
N GLY A 69 -12.74 -11.91 29.23
CA GLY A 69 -11.87 -11.30 28.24
C GLY A 69 -12.30 -11.45 26.81
N ALA A 70 -11.35 -11.22 25.90
CA ALA A 70 -11.66 -11.28 24.47
C ALA A 70 -12.18 -12.67 24.09
N VAL A 71 -11.58 -13.70 24.69
CA VAL A 71 -11.89 -15.06 24.33
C VAL A 71 -13.32 -15.40 24.69
N GLU A 72 -13.83 -14.81 25.77
CA GLU A 72 -15.21 -15.06 26.17
C GLU A 72 -16.18 -14.32 25.24
N LEU A 73 -15.91 -13.04 25.00
CA LEU A 73 -16.67 -12.28 24.04
C LEU A 73 -16.74 -13.02 22.71
N LEU A 74 -15.60 -13.56 22.30
CA LEU A 74 -15.52 -14.26 21.02
C LEU A 74 -16.37 -15.51 20.97
N LYS A 75 -16.40 -16.27 22.08
CA LYS A 75 -17.24 -17.48 22.15
C LYS A 75 -18.69 -17.09 21.89
N GLN A 76 -19.09 -15.99 22.52
CA GLN A 76 -20.43 -15.47 22.38
C GLN A 76 -20.72 -15.04 20.93
N LEU A 77 -19.78 -14.33 20.32
CA LEU A 77 -19.91 -13.86 18.95
C LEU A 77 -20.21 -15.01 18.00
N ALA A 78 -19.51 -16.13 18.20
CA ALA A 78 -19.68 -17.25 17.30
C ALA A 78 -20.98 -18.04 17.58
N SER A 79 -21.55 -17.88 18.77
CA SER A 79 -22.85 -18.50 19.00
C SER A 79 -23.94 -17.59 18.42
N TRP A 80 -23.66 -16.29 18.41
CA TRP A 80 -24.52 -15.31 17.74
C TRP A 80 -24.53 -15.47 16.22
N ASP A 81 -23.36 -15.79 15.67
CA ASP A 81 -23.17 -15.95 14.23
C ASP A 81 -21.77 -16.52 14.06
N GLU A 82 -21.67 -17.82 13.79
CA GLU A 82 -20.35 -18.44 13.76
C GLU A 82 -19.60 -18.11 12.47
N TYR A 83 -20.27 -17.42 11.56
CA TYR A 83 -19.67 -17.05 10.29
C TYR A 83 -19.23 -15.59 10.27
N LEU A 84 -19.35 -14.92 11.41
CA LEU A 84 -18.86 -13.55 11.60
C LEU A 84 -17.34 -13.55 11.76
N PRO A 85 -16.58 -13.09 10.76
CA PRO A 85 -15.13 -13.01 10.97
C PRO A 85 -14.72 -11.84 11.86
N ILE A 86 -13.54 -11.95 12.47
CA ILE A 86 -13.01 -10.94 13.39
C ILE A 86 -11.77 -10.20 12.86
N LEU A 87 -11.68 -8.92 13.16
CA LEU A 87 -10.50 -8.13 12.85
C LEU A 87 -9.93 -7.51 14.11
N LEU A 88 -8.74 -7.95 14.54
CA LEU A 88 -8.10 -7.38 15.74
C LEU A 88 -7.36 -6.07 15.46
N ILE A 89 -7.70 -5.03 16.21
CA ILE A 89 -7.00 -3.76 16.03
C ILE A 89 -6.44 -3.24 17.35
N GLY A 90 -5.12 -3.00 17.37
CA GLY A 90 -4.48 -2.28 18.46
C GLY A 90 -4.17 -3.13 19.68
N GLU A 91 -4.10 -4.44 19.48
CA GLU A 91 -4.02 -5.38 20.58
C GLU A 91 -3.08 -6.48 20.13
N PRO A 92 -2.37 -7.11 21.08
CA PRO A 92 -1.39 -8.14 20.71
C PRO A 92 -2.03 -9.28 19.93
N ALA A 93 -1.24 -9.86 19.04
CA ALA A 93 -1.62 -11.11 18.43
C ALA A 93 -1.50 -12.12 19.55
N PRO A 94 -2.58 -12.85 19.83
CA PRO A 94 -2.36 -13.76 20.95
C PRO A 94 -2.36 -15.20 20.49
N ALA A 95 -1.24 -15.86 20.81
CA ALA A 95 -1.04 -17.27 20.62
C ALA A 95 -1.85 -17.97 21.69
N ASP A 96 -2.32 -17.14 22.62
CA ASP A 96 -3.09 -17.47 23.81
C ASP A 96 -4.43 -18.17 23.52
N TRP A 97 -5.08 -17.67 22.49
CA TRP A 97 -6.43 -18.07 22.19
C TRP A 97 -6.46 -19.48 21.65
N PRO A 98 -7.54 -20.22 21.93
CA PRO A 98 -7.70 -21.54 21.32
C PRO A 98 -7.79 -21.41 19.82
N GLU A 99 -7.18 -22.35 19.10
CA GLU A 99 -7.18 -22.35 17.64
C GLU A 99 -8.55 -22.11 17.04
N GLU A 100 -9.57 -22.71 17.64
CA GLU A 100 -10.93 -22.68 17.10
C GLU A 100 -11.41 -21.26 16.95
N LEU A 101 -11.16 -20.41 17.94
CA LEU A 101 -11.64 -19.05 17.77
C LEU A 101 -10.54 -18.09 17.30
N ARG A 102 -9.31 -18.59 17.17
CA ARG A 102 -8.28 -17.82 16.48
C ARG A 102 -8.63 -17.82 15.00
N ARG A 103 -9.39 -18.83 14.61
CA ARG A 103 -9.75 -19.10 13.21
C ARG A 103 -10.48 -17.94 12.56
N ARG A 104 -11.42 -17.38 13.30
CA ARG A 104 -12.25 -16.29 12.79
C ARG A 104 -11.50 -14.97 12.68
N VAL A 105 -10.27 -14.92 13.22
CA VAL A 105 -9.49 -13.68 13.19
C VAL A 105 -8.72 -13.52 11.89
N LEU A 106 -9.26 -12.68 11.02
CA LEU A 106 -8.69 -12.44 9.70
C LEU A 106 -7.30 -11.83 9.71
N ALA A 107 -7.06 -10.96 10.68
CA ALA A 107 -5.87 -10.14 10.72
C ALA A 107 -5.81 -9.39 12.00
N SER A 108 -4.60 -9.22 12.50
CA SER A 108 -4.38 -8.46 13.70
C SER A 108 -3.68 -7.16 13.29
N LEU A 109 -4.41 -6.04 13.34
CA LEU A 109 -3.92 -4.79 12.81
C LEU A 109 -3.45 -3.82 13.89
N GLU A 110 -2.53 -2.94 13.49
CA GLU A 110 -2.00 -1.95 14.39
C GLU A 110 -2.93 -0.75 14.50
N MET A 111 -2.70 0.05 15.52
CA MET A 111 -3.46 1.26 15.77
C MET A 111 -2.57 2.50 15.63
N PRO A 112 -2.82 3.35 14.61
CA PRO A 112 -3.84 3.19 13.57
C PRO A 112 -3.38 2.15 12.57
N PRO A 113 -4.32 1.45 11.91
CA PRO A 113 -3.87 0.50 10.89
C PRO A 113 -3.35 1.27 9.68
N SER A 114 -2.50 0.65 8.87
CA SER A 114 -2.12 1.28 7.62
C SER A 114 -3.37 1.34 6.73
N TYR A 115 -3.48 2.37 5.89
CA TYR A 115 -4.60 2.53 4.98
C TYR A 115 -4.85 1.24 4.22
N ASN A 116 -3.81 0.72 3.56
CA ASN A 116 -3.93 -0.49 2.73
C ASN A 116 -4.35 -1.75 3.47
N LYS A 117 -3.66 -2.04 4.58
CA LYS A 117 -3.92 -3.24 5.35
C LYS A 117 -5.39 -3.28 5.73
N LEU A 118 -5.85 -2.15 6.25
CA LEU A 118 -7.23 -2.01 6.64
C LEU A 118 -8.16 -2.32 5.46
N LEU A 119 -8.01 -1.61 4.34
CA LEU A 119 -8.91 -1.85 3.21
C LEU A 119 -8.82 -3.27 2.70
N ASP A 120 -7.60 -3.78 2.64
CA ASP A 120 -7.38 -5.10 2.12
C ASP A 120 -8.08 -6.10 3.02
N SER A 121 -7.97 -5.86 4.32
CA SER A 121 -8.55 -6.76 5.31
C SER A 121 -10.06 -6.68 5.30
N LEU A 122 -10.63 -5.48 5.13
CA LEU A 122 -12.09 -5.39 4.99
C LEU A 122 -12.53 -6.11 3.72
N HIS A 123 -11.75 -6.01 2.64
CA HIS A 123 -12.09 -6.78 1.43
C HIS A 123 -12.09 -8.25 1.78
N ARG A 124 -11.09 -8.65 2.56
CA ARG A 124 -10.97 -10.04 2.94
C ARG A 124 -12.16 -10.50 3.78
N ALA A 125 -12.70 -9.61 4.61
CA ALA A 125 -13.89 -9.92 5.38
C ALA A 125 -15.12 -10.06 4.48
N GLN A 126 -15.17 -9.27 3.39
CA GLN A 126 -16.28 -9.37 2.45
C GLN A 126 -16.36 -10.76 1.90
N VAL A 127 -15.28 -11.14 1.23
CA VAL A 127 -15.12 -12.44 0.63
C VAL A 127 -15.42 -13.57 1.62
N TYR A 128 -14.86 -13.47 2.85
CA TYR A 128 -15.05 -14.49 3.88
C TYR A 128 -16.53 -14.74 4.21
N ARG A 129 -17.27 -13.66 4.49
CA ARG A 129 -18.72 -13.74 4.70
C ARG A 129 -19.36 -14.47 3.54
N GLU A 130 -19.07 -13.99 2.33
CA GLU A 130 -19.65 -14.52 1.11
C GLU A 130 -19.40 -16.00 0.89
N MET A 131 -18.15 -16.44 1.04
CA MET A 131 -17.85 -17.84 0.84
C MET A 131 -18.57 -18.71 1.87
N TYR A 132 -18.87 -18.13 3.02
CA TYR A 132 -19.48 -18.89 4.11
C TYR A 132 -21.00 -18.89 4.19
N ASP A 133 -21.69 -18.07 3.39
CA ASP A 133 -23.15 -18.09 3.40
C ASP A 133 -23.66 -19.44 2.91
N MET B 5 13.95 16.21 -7.58
CA MET B 5 12.59 16.57 -7.97
C MET B 5 11.75 16.94 -6.73
N TRP B 6 12.29 16.67 -5.54
CA TRP B 6 11.51 16.65 -4.29
C TRP B 6 12.15 17.29 -3.03
N ARG B 7 11.41 17.19 -1.92
CA ARG B 7 11.80 17.63 -0.59
C ARG B 7 10.68 17.24 0.38
N GLU B 8 10.96 17.25 1.68
CA GLU B 8 9.97 16.79 2.63
C GLU B 8 9.09 17.94 3.09
N THR B 9 7.80 17.69 3.20
CA THR B 9 6.86 18.74 3.56
C THR B 9 5.82 18.34 4.62
N LYS B 10 5.19 19.37 5.15
CA LYS B 10 4.20 19.24 6.22
C LYS B 10 2.97 20.09 5.91
N LEU B 11 1.81 19.64 6.37
CA LEU B 11 0.56 20.37 6.26
C LEU B 11 0.39 21.23 7.51
N LEU B 12 -0.23 22.39 7.35
CA LEU B 12 -0.44 23.28 8.49
C LEU B 12 -1.93 23.44 8.77
N LEU B 13 -2.39 22.92 9.91
CA LEU B 13 -3.84 22.88 10.20
C LEU B 13 -4.22 24.03 11.12
N ILE B 14 -4.96 24.98 10.58
CA ILE B 14 -5.41 26.10 11.40
C ILE B 14 -6.92 26.08 11.53
N ASP B 15 -7.40 25.68 12.70
CA ASP B 15 -8.83 25.49 12.87
C ASP B 15 -9.25 25.71 14.32
N ASP B 16 -10.13 26.69 14.55
CA ASP B 16 -10.61 26.97 15.90
C ASP B 16 -11.69 25.97 16.36
N ASN B 17 -12.26 25.22 15.42
CA ASN B 17 -13.15 24.11 15.78
C ASN B 17 -12.27 22.97 16.25
N LEU B 18 -12.18 22.78 17.56
CA LEU B 18 -11.13 21.91 18.07
C LEU B 18 -11.45 20.43 17.88
N ASP B 19 -12.70 20.04 18.07
CA ASP B 19 -13.08 18.64 17.83
C ASP B 19 -12.87 18.28 16.36
N ARG B 20 -13.24 19.16 15.43
CA ARG B 20 -12.91 18.93 14.02
C ARG B 20 -11.41 18.84 13.82
N SER B 21 -10.67 19.70 14.52
CA SER B 21 -9.23 19.73 14.33
C SER B 21 -8.60 18.43 14.80
N ARG B 22 -9.03 17.95 15.97
CA ARG B 22 -8.56 16.66 16.45
C ARG B 22 -8.93 15.55 15.44
N ASP B 23 -10.16 15.56 14.94
CA ASP B 23 -10.58 14.51 14.00
C ASP B 23 -9.70 14.55 12.75
N LEU B 24 -9.37 15.75 12.29
CA LEU B 24 -8.54 15.90 11.10
C LEU B 24 -7.14 15.35 11.32
N ALA B 25 -6.61 15.57 12.52
CA ALA B 25 -5.28 15.10 12.89
C ALA B 25 -5.23 13.57 12.90
N VAL B 26 -6.29 12.96 13.38
CA VAL B 26 -6.38 11.50 13.39
C VAL B 26 -6.35 10.95 11.94
N ILE B 27 -7.13 11.58 11.06
CA ILE B 27 -7.17 11.22 9.64
C ILE B 27 -5.84 11.41 8.93
N LEU B 28 -5.21 12.57 9.09
CA LEU B 28 -3.89 12.78 8.50
C LEU B 28 -2.86 11.84 9.09
N ASN B 29 -2.95 11.58 10.38
CA ASN B 29 -2.03 10.64 11.03
C ASN B 29 -2.20 9.27 10.41
N PHE B 30 -3.45 8.88 10.24
CA PHE B 30 -3.81 7.65 9.54
C PHE B 30 -3.22 7.64 8.12
N LEU B 31 -3.30 8.78 7.43
CA LEU B 31 -2.81 8.88 6.04
C LEU B 31 -1.29 8.92 5.95
N GLY B 32 -0.63 9.22 7.07
CA GLY B 32 0.82 9.27 7.09
C GLY B 32 1.28 10.63 6.62
N GLU B 33 0.41 11.61 6.81
CA GLU B 33 0.64 12.97 6.37
C GLU B 33 1.08 13.81 7.54
N ASP B 34 2.38 14.01 7.64
CA ASP B 34 2.94 14.93 8.64
C ASP B 34 2.20 16.26 8.60
N GLN B 35 1.99 16.82 9.78
CA GLN B 35 1.18 18.02 9.90
C GLN B 35 1.44 18.72 11.23
N LEU B 36 1.25 20.04 11.26
CA LEU B 36 1.24 20.82 12.50
C LEU B 36 -0.13 21.43 12.77
N THR B 37 -0.53 21.42 14.02
CA THR B 37 -1.91 21.73 14.34
C THR B 37 -2.08 22.91 15.25
N CYS B 38 -2.88 23.87 14.81
CA CYS B 38 -3.09 25.02 15.65
C CYS B 38 -4.44 25.65 15.48
N ASN B 39 -4.64 26.68 16.29
CA ASN B 39 -5.77 27.56 16.18
C ASN B 39 -5.25 28.91 15.72
N SER B 40 -6.10 29.92 15.75
CA SER B 40 -5.74 31.21 15.18
C SER B 40 -4.87 32.06 16.09
N GLU B 41 -4.91 31.83 17.40
CA GLU B 41 -4.19 32.68 18.35
C GLU B 41 -2.73 32.27 18.49
N ASP B 42 -2.41 31.06 18.06
CA ASP B 42 -1.08 30.52 18.26
C ASP B 42 -0.41 30.04 16.98
N TRP B 43 -1.04 30.28 15.82
CA TRP B 43 -0.56 29.71 14.56
C TRP B 43 0.83 30.19 14.18
N ARG B 44 1.17 31.43 14.49
CA ARG B 44 2.49 32.00 14.19
C ARG B 44 3.59 31.27 14.97
N GLU B 45 3.41 31.26 16.29
CA GLU B 45 4.21 30.42 17.18
C GLU B 45 4.38 28.97 16.70
N VAL B 46 3.30 28.31 16.32
CA VAL B 46 3.46 26.91 15.90
C VAL B 46 4.22 26.83 14.57
N ALA B 47 3.90 27.72 13.64
CA ALA B 47 4.52 27.70 12.31
C ALA B 47 6.00 28.03 12.36
N ALA B 48 6.37 28.85 13.33
CA ALA B 48 7.78 29.27 13.45
C ALA B 48 8.70 28.06 13.58
N GLY B 49 8.16 26.97 14.13
CA GLY B 49 8.93 25.76 14.38
C GLY B 49 9.31 25.03 13.11
N LEU B 50 8.77 25.47 11.98
CA LEU B 50 9.27 25.00 10.70
C LEU B 50 10.66 25.61 10.45
N SER B 51 11.44 24.97 9.58
CA SER B 51 12.66 25.55 9.05
C SER B 51 12.36 26.89 8.40
N ASN B 52 11.45 26.87 7.42
CA ASN B 52 10.94 28.07 6.78
C ASN B 52 9.53 27.83 6.22
N SER B 53 8.90 28.88 5.70
CA SER B 53 7.53 28.77 5.21
C SER B 53 7.39 27.75 4.07
N ARG B 54 8.49 27.39 3.43
CA ARG B 54 8.44 26.49 2.28
C ARG B 54 8.30 25.03 2.69
N GLU B 55 8.51 24.74 3.97
CA GLU B 55 8.29 23.39 4.41
C GLU B 55 6.78 23.14 4.57
N ALA B 56 5.99 24.22 4.60
CA ALA B 56 4.53 24.10 4.60
C ALA B 56 4.08 23.75 3.20
N LEU B 57 3.50 22.58 3.03
CA LEU B 57 2.95 22.24 1.72
C LEU B 57 1.76 23.13 1.42
N CYS B 58 0.97 23.38 2.45
CA CYS B 58 -0.31 24.07 2.29
C CYS B 58 -1.00 24.27 3.63
N VAL B 59 -2.08 25.03 3.63
CA VAL B 59 -2.83 25.24 4.87
C VAL B 59 -4.21 24.60 4.73
N LEU B 60 -4.59 23.80 5.72
CA LEU B 60 -5.97 23.35 5.89
C LEU B 60 -6.59 24.34 6.84
N LEU B 61 -7.57 25.10 6.36
CA LEU B 61 -8.09 26.21 7.14
C LEU B 61 -9.52 26.00 7.56
N GLY B 62 -9.75 26.01 8.87
CA GLY B 62 -11.07 25.82 9.41
C GLY B 62 -11.69 27.15 9.77
N SER B 63 -12.34 27.19 10.92
CA SER B 63 -12.98 28.40 11.36
C SER B 63 -11.98 29.30 12.06
N VAL B 64 -12.12 30.59 11.85
CA VAL B 64 -11.21 31.57 12.41
C VAL B 64 -11.94 32.58 13.27
N GLU B 65 -11.77 32.46 14.59
CA GLU B 65 -12.33 33.44 15.50
C GLU B 65 -11.27 34.46 15.92
N SER B 66 -10.18 34.53 15.15
CA SER B 66 -9.13 35.50 15.41
C SER B 66 -9.72 36.90 15.38
N LYS B 67 -9.03 37.86 16.00
CA LYS B 67 -9.49 39.24 15.94
C LYS B 67 -9.53 39.63 14.49
N GLY B 68 -10.72 39.95 14.00
CA GLY B 68 -10.91 40.06 12.58
C GLY B 68 -11.40 38.71 12.11
N GLY B 69 -10.93 38.25 10.97
CA GLY B 69 -11.46 37.02 10.42
C GLY B 69 -10.47 36.23 9.60
N ALA B 70 -10.97 35.18 8.96
CA ALA B 70 -10.16 34.33 8.12
C ALA B 70 -9.58 35.11 6.94
N VAL B 71 -10.37 36.08 6.46
CA VAL B 71 -9.89 37.01 5.44
C VAL B 71 -8.57 37.64 5.85
N GLU B 72 -8.51 38.14 7.08
CA GLU B 72 -7.25 38.74 7.54
C GLU B 72 -6.22 37.66 7.69
N LEU B 73 -6.63 36.50 8.19
CA LEU B 73 -5.71 35.40 8.36
C LEU B 73 -5.07 35.04 7.01
N LEU B 74 -5.91 34.89 5.99
CA LEU B 74 -5.42 34.69 4.64
C LEU B 74 -4.43 35.78 4.24
N LYS B 75 -4.69 37.00 4.67
CA LYS B 75 -3.84 38.10 4.30
C LYS B 75 -2.45 37.96 4.89
N GLN B 76 -2.38 37.55 6.14
CA GLN B 76 -1.09 37.33 6.79
C GLN B 76 -0.32 36.16 6.17
N LEU B 77 -1.04 35.04 5.95
CA LEU B 77 -0.45 33.87 5.30
C LEU B 77 0.21 34.29 4.00
N ALA B 78 -0.49 35.13 3.23
CA ALA B 78 0.04 35.55 1.94
C ALA B 78 1.31 36.38 2.08
N SER B 79 1.37 37.27 3.07
CA SER B 79 2.57 38.11 3.22
C SER B 79 3.76 37.25 3.62
N TRP B 80 3.49 36.34 4.56
CA TRP B 80 4.41 35.28 4.99
C TRP B 80 5.00 34.53 3.81
N ASP B 81 4.12 33.90 3.03
CA ASP B 81 4.50 33.27 1.77
C ASP B 81 3.31 33.34 0.81
N GLU B 82 3.46 34.09 -0.27
CA GLU B 82 2.37 34.31 -1.21
C GLU B 82 2.18 33.13 -2.16
N TYR B 83 3.06 32.14 -2.05
CA TYR B 83 2.97 30.94 -2.88
C TYR B 83 2.43 29.75 -2.08
N LEU B 84 2.08 30.02 -0.82
CA LEU B 84 1.52 29.02 0.08
C LEU B 84 0.00 28.82 -0.19
N PRO B 85 -0.36 27.75 -0.89
CA PRO B 85 -1.78 27.44 -1.22
C PRO B 85 -2.65 27.25 -0.02
N ILE B 86 -3.94 27.52 -0.20
CA ILE B 86 -4.93 27.35 0.86
C ILE B 86 -6.02 26.33 0.49
N LEU B 87 -6.25 25.38 1.39
CA LEU B 87 -7.35 24.44 1.30
C LEU B 87 -8.41 24.79 2.34
N LEU B 88 -9.61 25.18 1.90
CA LEU B 88 -10.66 25.50 2.86
C LEU B 88 -11.30 24.22 3.41
N ILE B 89 -11.20 24.00 4.70
CA ILE B 89 -11.88 22.85 5.25
C ILE B 89 -13.27 23.26 5.72
N GLY B 90 -14.27 22.51 5.27
CA GLY B 90 -15.65 22.71 5.68
C GLY B 90 -16.32 23.97 5.17
N GLU B 91 -15.72 24.61 4.17
CA GLU B 91 -16.27 25.87 3.68
C GLU B 91 -16.10 26.08 2.17
N PRO B 92 -17.22 26.24 1.46
CA PRO B 92 -17.13 26.71 0.08
C PRO B 92 -16.46 28.10 0.08
N ALA B 93 -15.58 28.37 -0.87
CA ALA B 93 -14.93 29.67 -0.96
C ALA B 93 -15.97 30.76 -1.22
N PRO B 94 -16.19 31.64 -0.23
CA PRO B 94 -17.22 32.67 -0.33
C PRO B 94 -17.01 33.53 -1.57
N ALA B 95 -18.06 33.69 -2.37
CA ALA B 95 -18.00 34.48 -3.59
C ALA B 95 -17.69 35.94 -3.27
N ASP B 96 -17.94 36.32 -2.02
CA ASP B 96 -17.66 37.66 -1.52
C ASP B 96 -16.18 38.03 -1.64
N TRP B 97 -15.30 37.05 -1.54
CA TRP B 97 -13.86 37.32 -1.42
C TRP B 97 -13.23 37.96 -2.66
N PRO B 98 -12.12 38.72 -2.46
CA PRO B 98 -11.32 39.36 -3.51
C PRO B 98 -10.35 38.39 -4.21
N GLU B 99 -10.33 38.48 -5.54
CA GLU B 99 -9.56 37.58 -6.40
C GLU B 99 -8.11 37.29 -5.98
N GLU B 100 -7.34 38.32 -5.61
CA GLU B 100 -5.97 38.08 -5.12
C GLU B 100 -5.95 37.00 -4.04
N LEU B 101 -6.88 37.06 -3.09
CA LEU B 101 -6.97 36.03 -2.06
C LEU B 101 -7.50 34.73 -2.66
N ARG B 102 -8.65 34.81 -3.34
CA ARG B 102 -9.33 33.65 -3.90
C ARG B 102 -8.42 32.81 -4.78
N ARG B 103 -7.51 33.49 -5.50
CA ARG B 103 -6.56 32.86 -6.40
C ARG B 103 -5.70 31.80 -5.69
N ARG B 104 -5.57 31.94 -4.37
CA ARG B 104 -4.71 31.04 -3.60
C ARG B 104 -5.48 29.84 -3.04
N VAL B 105 -6.79 29.97 -2.87
CA VAL B 105 -7.59 28.86 -2.40
C VAL B 105 -7.85 27.84 -3.50
N LEU B 106 -7.28 26.65 -3.35
CA LEU B 106 -7.30 25.66 -4.43
C LEU B 106 -8.49 24.72 -4.36
N ALA B 107 -9.07 24.57 -3.18
CA ALA B 107 -10.13 23.58 -3.00
C ALA B 107 -10.92 23.81 -1.72
N SER B 108 -12.12 23.27 -1.69
CA SER B 108 -12.93 23.34 -0.50
C SER B 108 -13.33 21.94 -0.14
N LEU B 109 -13.11 21.54 1.10
CA LEU B 109 -13.32 20.15 1.43
C LEU B 109 -14.50 20.01 2.37
N GLU B 110 -15.46 19.21 1.93
CA GLU B 110 -16.61 18.89 2.77
C GLU B 110 -16.15 18.11 4.01
N MET B 111 -16.92 18.23 5.07
CA MET B 111 -16.65 17.48 6.28
C MET B 111 -17.75 16.42 6.50
N PRO B 112 -17.33 15.19 6.80
CA PRO B 112 -15.94 14.71 6.83
C PRO B 112 -15.43 14.51 5.41
N PRO B 113 -14.13 14.71 5.17
CA PRO B 113 -13.64 14.74 3.78
C PRO B 113 -13.80 13.43 3.05
N SER B 114 -13.65 13.46 1.73
CA SER B 114 -13.58 12.25 0.93
C SER B 114 -12.11 11.96 0.74
N TYR B 115 -11.77 10.68 0.74
CA TYR B 115 -10.39 10.30 0.54
C TYR B 115 -9.88 10.79 -0.80
N ASN B 116 -10.72 10.76 -1.83
CA ASN B 116 -10.19 11.07 -3.15
C ASN B 116 -10.09 12.56 -3.36
N LYS B 117 -10.99 13.32 -2.74
CA LYS B 117 -10.87 14.75 -2.85
C LYS B 117 -9.71 15.32 -1.99
N LEU B 118 -9.43 14.72 -0.84
CA LEU B 118 -8.34 15.16 0.00
C LEU B 118 -7.04 14.94 -0.77
N LEU B 119 -6.83 13.73 -1.26
CA LEU B 119 -5.72 13.46 -2.16
C LEU B 119 -5.67 14.38 -3.38
N ASP B 120 -6.81 14.67 -3.98
CA ASP B 120 -6.75 15.51 -5.18
C ASP B 120 -6.32 16.90 -4.79
N SER B 121 -6.72 17.34 -3.59
CA SER B 121 -6.45 18.68 -3.17
C SER B 121 -5.00 18.86 -2.75
N LEU B 122 -4.45 17.84 -2.12
CA LEU B 122 -3.05 17.84 -1.76
C LEU B 122 -2.19 17.84 -3.03
N HIS B 123 -2.67 17.14 -4.06
CA HIS B 123 -1.98 17.13 -5.35
C HIS B 123 -1.98 18.51 -5.98
N ARG B 124 -3.13 19.18 -5.97
CA ARG B 124 -3.19 20.53 -6.51
C ARG B 124 -2.19 21.44 -5.77
N ALA B 125 -2.09 21.22 -4.47
CA ALA B 125 -1.20 21.97 -3.61
C ALA B 125 0.23 21.84 -4.14
N GLN B 126 0.69 20.61 -4.31
CA GLN B 126 2.06 20.33 -4.74
C GLN B 126 2.38 20.93 -6.11
N VAL B 127 1.45 20.78 -7.05
CA VAL B 127 1.57 21.39 -8.38
C VAL B 127 1.72 22.91 -8.24
N TYR B 128 1.05 23.46 -7.24
CA TYR B 128 1.00 24.90 -7.04
C TYR B 128 2.30 25.42 -6.40
N ARG B 129 2.71 24.80 -5.29
CA ARG B 129 4.00 25.04 -4.65
C ARG B 129 5.15 25.09 -5.64
N GLU B 130 5.31 24.01 -6.39
CA GLU B 130 6.45 23.81 -7.27
C GLU B 130 6.36 24.64 -8.55
N MET B 131 5.23 25.31 -8.74
CA MET B 131 5.04 26.15 -9.91
C MET B 131 5.68 27.48 -9.68
N TYR B 132 5.71 27.87 -8.40
CA TYR B 132 6.15 29.19 -8.01
C TYR B 132 7.42 29.10 -7.14
N ASP B 133 8.15 27.99 -7.26
CA ASP B 133 9.40 27.85 -6.53
C ASP B 133 10.58 28.21 -7.43
N GLU C 8 -9.96 12.19 -24.44
CA GLU C 8 -9.25 10.95 -24.79
C GLU C 8 -7.73 11.15 -24.68
N THR C 9 -7.10 10.54 -23.67
CA THR C 9 -5.68 10.71 -23.53
C THR C 9 -4.91 9.40 -23.54
N LYS C 10 -3.60 9.53 -23.64
CA LYS C 10 -2.69 8.40 -23.68
C LYS C 10 -1.40 8.72 -22.91
N LEU C 11 -0.74 7.66 -22.48
CA LEU C 11 0.53 7.79 -21.82
C LEU C 11 1.65 7.62 -22.85
N LEU C 12 2.64 8.50 -22.81
CA LEU C 12 3.73 8.38 -23.75
C LEU C 12 4.89 7.73 -23.06
N LEU C 13 5.22 6.53 -23.48
CA LEU C 13 6.29 5.78 -22.86
C LEU C 13 7.60 5.94 -23.62
N ILE C 14 8.63 6.49 -22.97
CA ILE C 14 9.92 6.67 -23.65
C ILE C 14 11.02 5.97 -22.86
N ASP C 15 11.47 4.85 -23.39
CA ASP C 15 12.43 4.02 -22.68
C ASP C 15 13.33 3.30 -23.67
N ASP C 16 14.62 3.30 -23.40
CA ASP C 16 15.54 2.57 -24.23
C ASP C 16 15.68 1.14 -23.69
N ASN C 17 15.16 0.94 -22.48
CA ASN C 17 15.10 -0.38 -21.87
C ASN C 17 13.79 -1.05 -22.24
N LEU C 18 13.82 -1.78 -23.35
CA LEU C 18 12.58 -2.21 -23.99
C LEU C 18 11.81 -3.27 -23.19
N ASP C 19 12.52 -4.07 -22.39
CA ASP C 19 11.89 -5.06 -21.51
C ASP C 19 10.95 -4.38 -20.55
N ARG C 20 11.51 -3.36 -19.93
CA ARG C 20 10.82 -2.58 -18.94
C ARG C 20 9.68 -1.82 -19.56
N SER C 21 9.87 -1.37 -20.81
CA SER C 21 8.82 -0.73 -21.59
C SER C 21 7.62 -1.65 -21.81
N ARG C 22 7.90 -2.81 -22.36
CA ARG C 22 6.89 -3.80 -22.70
C ARG C 22 6.12 -4.22 -21.46
N ASP C 23 6.85 -4.53 -20.39
CA ASP C 23 6.25 -4.90 -19.12
C ASP C 23 5.43 -3.75 -18.61
N LEU C 24 5.95 -2.53 -18.80
CA LEU C 24 5.23 -1.39 -18.26
C LEU C 24 3.91 -1.20 -19.03
N ALA C 25 3.98 -1.35 -20.35
CA ALA C 25 2.79 -1.23 -21.19
C ALA C 25 1.79 -2.36 -20.88
N VAL C 26 2.28 -3.57 -20.63
CA VAL C 26 1.40 -4.68 -20.26
C VAL C 26 0.64 -4.32 -18.99
N ILE C 27 1.34 -3.73 -18.03
CA ILE C 27 0.72 -3.34 -16.77
C ILE C 27 -0.35 -2.26 -16.97
N LEU C 28 -0.04 -1.29 -17.79
CA LEU C 28 -0.95 -0.17 -18.01
C LEU C 28 -2.20 -0.57 -18.79
N ASN C 29 -2.03 -1.45 -19.77
CA ASN C 29 -3.16 -2.03 -20.47
C ASN C 29 -4.07 -2.74 -19.47
N PHE C 30 -3.49 -3.60 -18.65
CA PHE C 30 -4.15 -4.25 -17.54
C PHE C 30 -5.05 -3.26 -16.83
N LEU C 31 -4.52 -2.07 -16.55
CA LEU C 31 -5.27 -0.98 -15.90
C LEU C 31 -6.25 -0.22 -16.83
N GLY C 32 -6.35 -0.60 -18.10
CA GLY C 32 -7.13 0.19 -19.05
C GLY C 32 -6.58 1.56 -19.42
N GLU C 33 -5.31 1.82 -19.09
CA GLU C 33 -4.68 3.10 -19.45
C GLU C 33 -4.07 2.99 -20.84
N ASP C 34 -4.54 3.82 -21.74
CA ASP C 34 -3.98 3.86 -23.07
C ASP C 34 -2.53 4.42 -23.10
N GLN C 35 -1.70 3.88 -23.98
CA GLN C 35 -0.34 4.36 -24.07
C GLN C 35 0.34 4.06 -25.42
N LEU C 36 1.35 4.86 -25.73
CA LEU C 36 2.26 4.57 -26.84
C LEU C 36 3.69 4.27 -26.36
N THR C 37 4.31 3.29 -26.99
CA THR C 37 5.63 2.89 -26.54
C THR C 37 6.70 3.24 -27.55
N CYS C 38 7.75 3.88 -27.08
CA CYS C 38 8.86 4.29 -27.93
C CYS C 38 10.18 4.34 -27.19
N ASN C 39 11.27 4.28 -27.94
CA ASN C 39 12.61 4.47 -27.39
C ASN C 39 13.03 5.94 -27.49
N SER C 40 14.23 6.26 -27.04
CA SER C 40 14.64 7.66 -26.97
C SER C 40 15.01 8.22 -28.33
N GLU C 41 15.48 7.38 -29.24
CA GLU C 41 15.88 7.88 -30.55
C GLU C 41 14.70 8.09 -31.49
N ASP C 42 13.59 7.37 -31.28
CA ASP C 42 12.51 7.37 -32.26
C ASP C 42 11.16 7.92 -31.79
N TRP C 43 11.11 8.46 -30.57
CA TRP C 43 9.86 8.90 -29.96
C TRP C 43 9.09 9.98 -30.72
N ARG C 44 9.78 10.81 -31.51
CA ARG C 44 9.10 11.90 -32.22
C ARG C 44 8.14 11.33 -33.24
N GLU C 45 8.59 10.38 -34.03
CA GLU C 45 7.72 9.79 -35.02
C GLU C 45 6.69 8.86 -34.38
N VAL C 46 6.93 8.44 -33.14
CA VAL C 46 5.95 7.61 -32.44
C VAL C 46 4.83 8.49 -31.87
N ALA C 47 5.20 9.65 -31.35
CA ALA C 47 4.22 10.58 -30.80
C ALA C 47 3.44 11.26 -31.92
N ALA C 48 3.91 11.06 -33.15
CA ALA C 48 3.23 11.54 -34.34
C ALA C 48 1.92 10.82 -34.55
N GLY C 49 1.87 9.58 -34.05
CA GLY C 49 0.67 8.78 -34.12
C GLY C 49 -0.40 9.21 -33.13
N LEU C 50 -0.10 10.27 -32.39
CA LEU C 50 -1.12 10.94 -31.59
C LEU C 50 -1.77 11.98 -32.48
N SER C 51 -3.01 12.33 -32.19
CA SER C 51 -3.70 13.32 -33.00
C SER C 51 -3.06 14.69 -32.75
N ASN C 52 -2.79 15.01 -31.48
CA ASN C 52 -1.96 16.16 -31.14
C ASN C 52 -1.30 16.03 -29.75
N SER C 53 -0.47 17.00 -29.40
CA SER C 53 0.35 16.93 -28.18
C SER C 53 -0.49 16.84 -26.90
N ARG C 54 -1.63 17.54 -26.84
CA ARG C 54 -2.41 17.58 -25.61
C ARG C 54 -3.02 16.21 -25.28
N GLU C 55 -3.18 15.36 -26.29
CA GLU C 55 -3.61 13.98 -26.13
C GLU C 55 -2.73 13.15 -25.19
N ALA C 56 -1.48 13.60 -24.98
CA ALA C 56 -0.58 12.90 -24.04
C ALA C 56 -0.72 13.45 -22.61
N LEU C 57 -1.21 12.60 -21.70
CA LEU C 57 -1.34 13.00 -20.30
C LEU C 57 0.03 13.39 -19.73
N CYS C 58 1.01 12.54 -19.97
CA CYS C 58 2.34 12.67 -19.36
C CYS C 58 3.30 11.76 -20.08
N VAL C 59 4.61 11.99 -19.91
CA VAL C 59 5.60 11.06 -20.41
C VAL C 59 6.03 10.15 -19.26
N LEU C 60 6.25 8.87 -19.55
CA LEU C 60 6.93 8.00 -18.64
C LEU C 60 8.31 7.84 -19.26
N LEU C 61 9.29 8.45 -18.60
CA LEU C 61 10.64 8.52 -19.12
C LEU C 61 11.53 7.50 -18.43
N GLY C 62 12.00 6.53 -19.20
CA GLY C 62 12.91 5.53 -18.68
C GLY C 62 14.34 5.91 -19.02
N SER C 63 15.20 4.90 -19.15
CA SER C 63 16.57 5.11 -19.54
C SER C 63 16.69 5.70 -20.95
N VAL C 64 17.51 6.75 -21.07
CA VAL C 64 17.81 7.36 -22.36
C VAL C 64 19.28 7.14 -22.64
N GLU C 65 19.57 6.07 -23.37
CA GLU C 65 20.94 5.72 -23.68
C GLU C 65 21.46 6.62 -24.79
N SER C 66 20.56 7.36 -25.44
CA SER C 66 20.96 8.32 -26.48
C SER C 66 21.80 9.47 -25.91
N LYS C 67 22.55 10.12 -26.78
CA LYS C 67 23.48 11.19 -26.40
C LYS C 67 22.76 12.43 -25.88
N GLY C 68 23.29 12.98 -24.80
CA GLY C 68 22.72 14.16 -24.16
C GLY C 68 21.82 13.73 -23.02
N GLY C 69 21.59 12.43 -22.93
CA GLY C 69 20.74 11.86 -21.90
C GLY C 69 19.31 12.37 -21.98
N ALA C 70 18.57 12.15 -20.91
CA ALA C 70 17.21 12.64 -20.83
C ALA C 70 17.14 14.16 -20.83
N VAL C 71 18.20 14.81 -20.34
CA VAL C 71 18.22 16.27 -20.32
C VAL C 71 17.99 16.79 -21.73
N GLU C 72 18.73 16.27 -22.69
CA GLU C 72 18.54 16.70 -24.06
C GLU C 72 17.17 16.27 -24.55
N LEU C 73 16.73 15.09 -24.11
CA LEU C 73 15.40 14.59 -24.46
C LEU C 73 14.30 15.46 -23.86
N LEU C 74 14.49 15.87 -22.62
CA LEU C 74 13.52 16.67 -21.91
C LEU C 74 13.32 18.02 -22.58
N LYS C 75 14.42 18.60 -23.08
CA LYS C 75 14.38 19.86 -23.84
C LYS C 75 13.47 19.76 -25.06
N GLN C 76 13.73 18.74 -25.88
CA GLN C 76 12.82 18.37 -26.97
C GLN C 76 11.35 18.29 -26.56
N LEU C 77 11.09 17.56 -25.47
CA LEU C 77 9.73 17.41 -24.95
C LEU C 77 9.13 18.79 -24.66
N ALA C 78 9.93 19.68 -24.09
CA ALA C 78 9.47 21.02 -23.70
C ALA C 78 9.11 21.89 -24.89
N SER C 79 9.71 21.65 -26.05
CA SER C 79 9.38 22.46 -27.22
C SER C 79 8.07 21.93 -27.80
N TRP C 80 7.94 20.61 -27.78
CA TRP C 80 6.76 19.90 -28.25
C TRP C 80 5.54 20.34 -27.46
N ASP C 81 5.68 20.32 -26.15
CA ASP C 81 4.62 20.76 -25.25
C ASP C 81 5.27 21.16 -23.94
N GLU C 82 5.30 22.45 -23.65
CA GLU C 82 5.92 22.98 -22.45
C GLU C 82 5.25 22.48 -21.17
N TYR C 83 4.00 22.04 -21.31
CA TYR C 83 3.19 21.66 -20.16
C TYR C 83 2.93 20.14 -20.05
N LEU C 84 3.54 19.34 -20.92
CA LEU C 84 3.61 17.88 -20.73
C LEU C 84 4.50 17.50 -19.55
N PRO C 85 3.90 17.08 -18.44
CA PRO C 85 4.68 16.67 -17.28
C PRO C 85 5.39 15.34 -17.56
N ILE C 86 6.30 14.98 -16.66
CA ILE C 86 7.17 13.84 -16.85
C ILE C 86 7.13 12.91 -15.60
N LEU C 87 6.97 11.61 -15.83
CA LEU C 87 7.17 10.65 -14.77
C LEU C 87 8.42 9.85 -15.08
N LEU C 88 9.36 9.79 -14.13
CA LEU C 88 10.53 8.96 -14.32
C LEU C 88 10.14 7.56 -13.91
N ILE C 89 10.70 6.56 -14.56
CA ILE C 89 10.39 5.20 -14.15
C ILE C 89 11.67 4.38 -13.98
N GLY C 90 11.59 3.38 -13.12
CA GLY C 90 12.68 2.43 -12.88
C GLY C 90 14.07 2.98 -12.62
N GLU C 91 14.22 4.29 -12.78
CA GLU C 91 15.50 4.95 -12.62
C GLU C 91 15.48 5.76 -11.36
N PRO C 92 16.65 5.87 -10.73
CA PRO C 92 16.86 6.81 -9.63
C PRO C 92 16.62 8.24 -10.11
N ALA C 93 15.84 8.99 -9.33
CA ALA C 93 15.76 10.42 -9.54
C ALA C 93 17.16 11.02 -9.38
N PRO C 94 17.53 12.00 -10.22
CA PRO C 94 18.86 12.64 -10.13
C PRO C 94 18.87 14.08 -9.58
N ALA C 95 19.83 14.39 -8.71
CA ALA C 95 20.03 15.75 -8.18
C ALA C 95 20.86 16.64 -9.12
N ASP C 96 21.61 15.98 -10.00
CA ASP C 96 22.40 16.63 -11.04
C ASP C 96 21.62 17.55 -11.98
N TRP C 97 20.34 17.24 -12.18
CA TRP C 97 19.49 17.84 -13.24
C TRP C 97 19.09 19.30 -13.07
N PRO C 98 19.23 20.09 -14.15
CA PRO C 98 18.78 21.49 -14.24
C PRO C 98 17.35 21.65 -13.71
N GLU C 99 17.16 22.62 -12.83
CA GLU C 99 15.89 22.82 -12.16
C GLU C 99 14.80 23.26 -13.15
N GLU C 100 15.18 24.03 -14.16
CA GLU C 100 14.24 24.51 -15.17
C GLU C 100 13.59 23.35 -15.94
N LEU C 101 14.28 22.21 -16.03
CA LEU C 101 13.68 21.01 -16.62
C LEU C 101 13.13 20.07 -15.53
N ARG C 102 13.69 20.15 -14.32
CA ARG C 102 13.23 19.35 -13.18
C ARG C 102 11.80 19.66 -12.74
N ARG C 103 11.37 20.90 -12.94
CA ARG C 103 10.04 21.32 -12.50
C ARG C 103 8.96 20.50 -13.17
N ARG C 104 9.33 19.83 -14.26
CA ARG C 104 8.40 19.05 -15.05
C ARG C 104 8.33 17.59 -14.60
N VAL C 105 9.05 17.24 -13.55
CA VAL C 105 9.13 15.85 -13.12
C VAL C 105 8.36 15.69 -11.82
N LEU C 106 7.24 14.97 -11.87
CA LEU C 106 6.33 14.97 -10.73
C LEU C 106 6.50 13.79 -9.80
N ALA C 107 7.21 12.77 -10.26
CA ALA C 107 7.30 11.54 -9.50
C ALA C 107 8.33 10.62 -10.10
N SER C 108 8.90 9.76 -9.28
CA SER C 108 9.80 8.72 -9.73
C SER C 108 9.11 7.41 -9.41
N LEU C 109 8.98 6.55 -10.40
CA LEU C 109 8.37 5.27 -10.12
C LEU C 109 9.37 4.13 -10.20
N GLU C 110 9.06 3.08 -9.45
CA GLU C 110 9.82 1.87 -9.46
C GLU C 110 9.18 0.91 -10.44
N MET C 111 9.96 -0.06 -10.90
CA MET C 111 9.48 -0.98 -11.92
C MET C 111 9.44 -2.42 -11.41
N PRO C 112 8.23 -2.93 -11.06
CA PRO C 112 6.92 -2.28 -11.17
C PRO C 112 6.57 -1.41 -9.99
N PRO C 113 5.71 -0.41 -10.20
CA PRO C 113 5.27 0.44 -9.09
C PRO C 113 4.10 -0.23 -8.38
N SER C 114 3.55 0.39 -7.35
CA SER C 114 2.40 -0.19 -6.70
C SER C 114 1.20 0.30 -7.45
N TYR C 115 0.08 -0.39 -7.29
CA TYR C 115 -1.14 0.02 -7.94
C TYR C 115 -1.48 1.41 -7.46
N ASN C 116 -1.20 1.69 -6.20
CA ASN C 116 -1.61 2.96 -5.62
C ASN C 116 -0.72 4.10 -6.05
N LYS C 117 0.59 3.88 -6.10
CA LYS C 117 1.47 4.97 -6.50
C LYS C 117 1.24 5.28 -7.98
N LEU C 118 1.29 4.24 -8.82
CA LEU C 118 1.04 4.43 -10.25
C LEU C 118 -0.23 5.24 -10.45
N LEU C 119 -1.33 4.85 -9.81
CA LEU C 119 -2.58 5.57 -10.06
C LEU C 119 -2.53 6.98 -9.52
N ASP C 120 -1.98 7.10 -8.32
CA ASP C 120 -1.67 8.38 -7.72
C ASP C 120 -0.86 9.26 -8.68
N SER C 121 0.17 8.67 -9.29
CA SER C 121 1.08 9.43 -10.14
C SER C 121 0.37 9.94 -11.38
N LEU C 122 -0.32 9.04 -12.10
CA LEU C 122 -1.19 9.46 -13.20
C LEU C 122 -2.15 10.57 -12.77
N HIS C 123 -2.64 10.51 -11.54
CA HIS C 123 -3.54 11.56 -11.00
C HIS C 123 -2.81 12.90 -10.87
N ARG C 124 -1.56 12.81 -10.44
CA ARG C 124 -0.77 14.02 -10.16
C ARG C 124 -0.49 14.73 -11.49
N ALA C 125 -0.19 13.95 -12.52
CA ALA C 125 0.10 14.47 -13.84
C ALA C 125 -1.13 15.14 -14.45
N GLN C 126 -2.30 14.55 -14.19
CA GLN C 126 -3.55 15.11 -14.69
C GLN C 126 -3.88 16.44 -14.03
N VAL C 127 -3.63 16.54 -12.74
CA VAL C 127 -3.84 17.79 -12.03
C VAL C 127 -2.90 18.87 -12.61
N TYR C 128 -1.65 18.48 -12.83
CA TYR C 128 -0.68 19.30 -13.50
C TYR C 128 -1.18 19.81 -14.85
N ARG C 129 -1.55 18.89 -15.76
CA ARG C 129 -2.09 19.27 -17.07
C ARG C 129 -3.19 20.30 -16.91
N GLU C 130 -4.16 20.00 -16.06
CA GLU C 130 -5.37 20.80 -15.98
C GLU C 130 -5.12 22.17 -15.40
N MET C 131 -4.18 22.26 -14.48
CA MET C 131 -3.90 23.55 -13.87
C MET C 131 -3.15 24.46 -14.82
N TYR C 132 -2.14 23.92 -15.49
CA TYR C 132 -1.44 24.71 -16.49
C TYR C 132 -2.36 25.06 -17.68
N ASP C 133 -3.46 24.33 -17.85
CA ASP C 133 -4.48 24.73 -18.82
C ASP C 133 -5.31 25.87 -18.24
N MET D 5 -1.84 -10.65 7.88
CA MET D 5 -2.70 -11.05 6.76
C MET D 5 -1.91 -11.67 5.64
N TRP D 6 -0.79 -11.05 5.29
CA TRP D 6 0.10 -11.61 4.27
C TRP D 6 0.50 -13.05 4.60
N ARG D 7 0.81 -13.80 3.55
CA ARG D 7 1.21 -15.18 3.64
C ARG D 7 2.23 -15.48 2.54
N GLU D 8 3.11 -16.45 2.78
CA GLU D 8 4.26 -16.64 1.90
C GLU D 8 3.99 -17.65 0.78
N THR D 9 2.78 -17.61 0.22
CA THR D 9 2.44 -18.60 -0.79
C THR D 9 2.72 -18.14 -2.20
N LYS D 10 2.92 -19.09 -3.09
CA LYS D 10 3.28 -18.82 -4.48
C LYS D 10 2.16 -19.23 -5.43
N LEU D 11 1.80 -18.33 -6.34
CA LEU D 11 0.79 -18.63 -7.35
C LEU D 11 1.32 -19.66 -8.32
N LEU D 12 0.53 -20.70 -8.58
CA LEU D 12 0.96 -21.66 -9.59
C LEU D 12 0.27 -21.34 -10.90
N LEU D 13 1.05 -20.86 -11.85
CA LEU D 13 0.51 -20.41 -13.11
C LEU D 13 0.83 -21.45 -14.17
N ILE D 14 -0.20 -22.20 -14.57
CA ILE D 14 -0.07 -23.25 -15.55
C ILE D 14 -0.81 -22.81 -16.79
N ASP D 15 -0.08 -22.49 -17.85
CA ASP D 15 -0.74 -22.06 -19.07
C ASP D 15 0.13 -22.37 -20.28
N ASP D 16 -0.46 -23.07 -21.24
CA ASP D 16 0.25 -23.51 -22.44
C ASP D 16 0.31 -22.41 -23.49
N ASN D 17 -0.38 -21.32 -23.21
CA ASN D 17 -0.27 -20.13 -24.03
C ASN D 17 0.86 -19.23 -23.51
N LEU D 18 2.01 -19.24 -24.18
CA LEU D 18 3.20 -18.58 -23.65
C LEU D 18 3.10 -17.06 -23.62
N ASP D 19 2.62 -16.45 -24.70
CA ASP D 19 2.45 -14.99 -24.76
C ASP D 19 1.54 -14.48 -23.66
N ARG D 20 0.51 -15.24 -23.30
CA ARG D 20 -0.41 -14.86 -22.26
C ARG D 20 0.26 -15.02 -20.90
N SER D 21 0.90 -16.17 -20.74
CA SER D 21 1.62 -16.52 -19.54
C SER D 21 2.61 -15.43 -19.16
N ARG D 22 3.38 -14.96 -20.15
CA ARG D 22 4.42 -13.95 -19.93
C ARG D 22 3.77 -12.69 -19.38
N ASP D 23 2.65 -12.31 -19.99
CA ASP D 23 1.95 -11.11 -19.56
C ASP D 23 1.27 -11.29 -18.19
N LEU D 24 0.67 -12.45 -17.96
CA LEU D 24 0.05 -12.73 -16.67
C LEU D 24 1.08 -12.65 -15.53
N ALA D 25 2.23 -13.26 -15.76
CA ALA D 25 3.34 -13.19 -14.82
C ALA D 25 3.69 -11.74 -14.41
N VAL D 26 3.73 -10.84 -15.40
CA VAL D 26 4.05 -9.42 -15.14
C VAL D 26 2.98 -8.76 -14.29
N ILE D 27 1.73 -9.09 -14.58
CA ILE D 27 0.57 -8.56 -13.89
C ILE D 27 0.54 -9.04 -12.43
N LEU D 28 0.71 -10.34 -12.26
CA LEU D 28 0.78 -10.90 -10.91
C LEU D 28 1.93 -10.24 -10.13
N ASN D 29 3.08 -10.05 -10.78
CA ASN D 29 4.22 -9.36 -10.15
C ASN D 29 3.86 -7.93 -9.74
N PHE D 30 3.22 -7.20 -10.66
CA PHE D 30 2.69 -5.86 -10.36
C PHE D 30 1.72 -5.89 -9.19
N LEU D 31 1.00 -6.99 -9.06
CA LEU D 31 0.02 -7.12 -7.99
C LEU D 31 0.68 -7.50 -6.68
N GLY D 32 1.94 -7.91 -6.76
CA GLY D 32 2.71 -8.29 -5.60
C GLY D 32 2.46 -9.71 -5.12
N GLU D 33 2.29 -10.61 -6.08
CA GLU D 33 2.00 -12.01 -5.79
C GLU D 33 3.13 -12.88 -6.32
N ASP D 34 3.75 -13.68 -5.45
CA ASP D 34 4.74 -14.64 -5.89
C ASP D 34 4.06 -15.63 -6.83
N GLN D 35 4.68 -15.89 -7.98
CA GLN D 35 4.15 -16.83 -8.95
C GLN D 35 5.26 -17.73 -9.47
N LEU D 36 4.92 -18.94 -9.88
CA LEU D 36 5.82 -19.78 -10.65
C LEU D 36 5.18 -20.12 -11.99
N THR D 37 5.87 -19.78 -13.08
CA THR D 37 5.31 -20.09 -14.39
C THR D 37 5.45 -21.57 -14.73
N CYS D 38 4.36 -22.19 -15.18
CA CYS D 38 4.44 -23.57 -15.66
C CYS D 38 3.85 -23.72 -17.06
N ASN D 39 4.02 -24.92 -17.58
CA ASN D 39 3.49 -25.39 -18.85
C ASN D 39 3.08 -26.85 -18.56
N SER D 40 2.24 -27.47 -19.37
CA SER D 40 1.60 -28.75 -18.95
C SER D 40 2.60 -29.85 -18.56
N GLU D 41 3.72 -29.94 -19.27
CA GLU D 41 4.74 -30.94 -18.97
C GLU D 41 5.54 -30.59 -17.70
N ASP D 42 5.92 -29.33 -17.58
CA ASP D 42 6.93 -28.91 -16.61
C ASP D 42 6.38 -28.60 -15.22
N TRP D 43 5.08 -28.43 -15.10
CA TRP D 43 4.44 -28.07 -13.84
C TRP D 43 4.78 -29.06 -12.75
N ARG D 44 4.96 -30.32 -13.15
CA ARG D 44 5.24 -31.38 -12.21
C ARG D 44 6.65 -31.14 -11.69
N GLU D 45 7.52 -30.73 -12.62
CA GLU D 45 8.91 -30.47 -12.35
C GLU D 45 9.12 -29.05 -11.83
N VAL D 46 8.27 -28.12 -12.25
CA VAL D 46 8.32 -26.76 -11.69
C VAL D 46 7.94 -26.83 -10.22
N ALA D 47 6.94 -27.65 -9.93
CA ALA D 47 6.52 -27.92 -8.56
C ALA D 47 7.64 -28.54 -7.73
N ALA D 48 8.56 -29.21 -8.38
CA ALA D 48 9.62 -29.93 -7.67
C ALA D 48 10.54 -28.95 -6.96
N GLY D 49 10.61 -27.73 -7.46
CA GLY D 49 11.42 -26.69 -6.85
C GLY D 49 10.77 -26.15 -5.59
N LEU D 50 9.50 -26.48 -5.40
CA LEU D 50 8.73 -26.10 -4.21
C LEU D 50 9.06 -26.96 -2.99
N SER D 51 8.81 -26.39 -1.81
CA SER D 51 9.00 -27.09 -0.55
C SER D 51 7.96 -28.19 -0.33
N ASN D 52 6.70 -27.80 -0.19
CA ASN D 52 5.62 -28.81 -0.17
C ASN D 52 4.38 -28.37 -0.97
N SER D 53 3.25 -29.02 -0.71
CA SER D 53 2.03 -28.71 -1.44
C SER D 53 1.45 -27.38 -0.99
N ARG D 54 1.38 -27.15 0.32
CA ARG D 54 0.67 -26.00 0.86
C ARG D 54 1.40 -24.69 0.56
N GLU D 55 2.48 -24.77 -0.23
CA GLU D 55 3.23 -23.60 -0.67
C GLU D 55 2.58 -22.95 -1.91
N ALA D 56 1.79 -23.72 -2.64
CA ALA D 56 0.98 -23.17 -3.72
C ALA D 56 -0.35 -22.74 -3.13
N LEU D 57 -0.68 -21.47 -3.26
CA LEU D 57 -1.96 -20.98 -2.75
C LEU D 57 -3.11 -21.46 -3.64
N CYS D 58 -2.88 -21.49 -4.95
CA CYS D 58 -3.90 -21.79 -5.95
C CYS D 58 -3.32 -21.91 -7.36
N VAL D 59 -4.11 -22.43 -8.28
CA VAL D 59 -3.70 -22.53 -9.68
C VAL D 59 -4.38 -21.46 -10.53
N LEU D 60 -3.61 -20.78 -11.38
CA LEU D 60 -4.20 -19.94 -12.42
C LEU D 60 -4.04 -20.71 -13.69
N LEU D 61 -5.14 -21.25 -14.18
CA LEU D 61 -5.10 -22.19 -15.27
C LEU D 61 -5.50 -21.52 -16.58
N GLY D 62 -4.62 -21.65 -17.56
CA GLY D 62 -4.87 -21.13 -18.88
C GLY D 62 -5.25 -22.32 -19.71
N SER D 63 -4.73 -22.38 -20.93
CA SER D 63 -5.09 -23.47 -21.82
C SER D 63 -4.15 -24.64 -21.61
N VAL D 64 -4.69 -25.85 -21.74
CA VAL D 64 -3.92 -27.08 -21.60
C VAL D 64 -4.08 -27.97 -22.81
N GLU D 65 -2.96 -28.34 -23.41
CA GLU D 65 -2.92 -29.14 -24.61
C GLU D 65 -2.34 -30.52 -24.35
N SER D 66 -1.84 -30.74 -23.14
CA SER D 66 -1.39 -32.08 -22.78
C SER D 66 -2.58 -33.04 -22.90
N LYS D 67 -2.30 -34.27 -23.30
CA LYS D 67 -3.33 -35.27 -23.56
C LYS D 67 -4.25 -35.45 -22.36
N GLY D 68 -5.53 -35.17 -22.55
CA GLY D 68 -6.49 -35.25 -21.47
C GLY D 68 -6.94 -33.88 -21.05
N GLY D 69 -6.54 -32.87 -21.83
CA GLY D 69 -6.93 -31.49 -21.65
C GLY D 69 -6.81 -30.98 -20.23
N ALA D 70 -7.47 -29.87 -19.97
CA ALA D 70 -7.44 -29.28 -18.64
C ALA D 70 -7.85 -30.29 -17.56
N VAL D 71 -8.87 -31.09 -17.88
CA VAL D 71 -9.45 -32.03 -16.91
C VAL D 71 -8.44 -33.02 -16.36
N GLU D 72 -7.62 -33.59 -17.23
CA GLU D 72 -6.58 -34.52 -16.78
C GLU D 72 -5.61 -33.87 -15.80
N LEU D 73 -5.04 -32.73 -16.20
CA LEU D 73 -4.10 -31.98 -15.35
C LEU D 73 -4.66 -31.73 -13.96
N LEU D 74 -5.94 -31.32 -13.96
CA LEU D 74 -6.65 -30.99 -12.74
C LEU D 74 -6.77 -32.21 -11.84
N LYS D 75 -6.98 -33.38 -12.45
CA LYS D 75 -7.01 -34.62 -11.70
C LYS D 75 -5.68 -34.81 -10.96
N GLN D 76 -4.57 -34.61 -11.67
CA GLN D 76 -3.25 -34.73 -11.08
C GLN D 76 -3.01 -33.68 -10.00
N LEU D 77 -3.67 -32.53 -10.13
CA LEU D 77 -3.64 -31.50 -9.10
C LEU D 77 -4.43 -31.92 -7.86
N ALA D 78 -5.68 -32.33 -8.07
CA ALA D 78 -6.52 -32.87 -7.00
C ALA D 78 -5.75 -33.89 -6.15
N SER D 79 -5.10 -34.85 -6.81
CA SER D 79 -4.35 -35.87 -6.10
C SER D 79 -3.18 -35.24 -5.38
N TRP D 80 -2.52 -34.31 -6.05
CA TRP D 80 -1.33 -33.66 -5.51
C TRP D 80 -1.65 -32.85 -4.25
N ASP D 81 -2.81 -32.20 -4.28
CA ASP D 81 -3.36 -31.52 -3.11
C ASP D 81 -4.87 -31.44 -3.28
N GLU D 82 -5.60 -32.08 -2.37
CA GLU D 82 -7.05 -32.15 -2.44
C GLU D 82 -7.68 -30.77 -2.31
N TYR D 83 -7.00 -29.88 -1.60
CA TYR D 83 -7.62 -28.60 -1.26
C TYR D 83 -6.96 -27.41 -1.95
N LEU D 84 -6.35 -27.67 -3.10
CA LEU D 84 -5.78 -26.63 -3.96
C LEU D 84 -6.87 -25.97 -4.82
N PRO D 85 -7.26 -24.72 -4.52
CA PRO D 85 -8.32 -24.11 -5.35
C PRO D 85 -7.87 -23.80 -6.77
N ILE D 86 -8.80 -23.48 -7.65
CA ILE D 86 -8.46 -23.21 -9.05
C ILE D 86 -9.00 -21.88 -9.56
N LEU D 87 -8.16 -21.16 -10.27
CA LEU D 87 -8.56 -19.94 -10.96
C LEU D 87 -8.39 -20.15 -12.47
N LEU D 88 -9.45 -19.91 -13.24
CA LEU D 88 -9.37 -20.08 -14.69
C LEU D 88 -9.20 -18.75 -15.36
N ILE D 89 -8.34 -18.69 -16.36
CA ILE D 89 -7.97 -17.40 -16.91
C ILE D 89 -8.19 -17.42 -18.43
N GLY D 90 -8.96 -16.44 -18.90
CA GLY D 90 -9.29 -16.32 -20.31
C GLY D 90 -10.08 -17.48 -20.94
N GLU D 91 -10.55 -18.40 -20.11
CA GLU D 91 -11.24 -19.60 -20.60
C GLU D 91 -12.70 -19.68 -20.20
N PRO D 92 -13.49 -20.47 -20.93
CA PRO D 92 -14.82 -20.92 -20.50
C PRO D 92 -14.80 -21.60 -19.12
N ALA D 93 -15.78 -21.32 -18.26
CA ALA D 93 -15.93 -22.02 -16.99
C ALA D 93 -16.89 -23.21 -17.14
N PRO D 94 -16.42 -24.32 -17.73
CA PRO D 94 -17.32 -25.32 -18.29
C PRO D 94 -18.11 -26.08 -17.24
N ALA D 95 -19.41 -26.25 -17.49
CA ALA D 95 -20.22 -27.13 -16.66
C ALA D 95 -19.89 -28.56 -17.05
N ASP D 96 -19.35 -28.68 -18.26
CA ASP D 96 -18.78 -29.89 -18.82
C ASP D 96 -17.96 -30.70 -17.80
N TRP D 97 -17.27 -30.00 -16.90
CA TRP D 97 -16.37 -30.64 -15.95
C TRP D 97 -17.12 -31.36 -14.84
N PRO D 98 -16.57 -32.46 -14.32
CA PRO D 98 -17.17 -33.12 -13.15
C PRO D 98 -17.31 -32.17 -11.98
N GLU D 99 -18.31 -32.41 -11.13
CA GLU D 99 -18.67 -31.48 -10.06
C GLU D 99 -17.63 -31.44 -8.97
N GLU D 100 -16.97 -32.56 -8.75
CA GLU D 100 -15.97 -32.62 -7.70
C GLU D 100 -14.82 -31.67 -8.02
N LEU D 101 -14.45 -31.56 -9.29
CA LEU D 101 -13.41 -30.62 -9.64
C LEU D 101 -13.97 -29.28 -10.13
N ARG D 102 -15.29 -29.16 -10.35
CA ARG D 102 -15.87 -27.83 -10.57
C ARG D 102 -15.96 -27.04 -9.27
N ARG D 103 -16.18 -27.75 -8.17
CA ARG D 103 -16.16 -27.16 -6.85
C ARG D 103 -14.83 -26.47 -6.53
N ARG D 104 -13.75 -26.88 -7.19
CA ARG D 104 -12.43 -26.27 -6.96
C ARG D 104 -12.37 -24.88 -7.56
N VAL D 105 -13.06 -24.71 -8.68
CA VAL D 105 -13.05 -23.47 -9.42
C VAL D 105 -13.67 -22.34 -8.63
N LEU D 106 -12.87 -21.32 -8.38
CA LEU D 106 -13.32 -20.23 -7.52
C LEU D 106 -13.78 -19.08 -8.37
N ALA D 107 -13.19 -18.98 -9.54
CA ALA D 107 -13.52 -17.88 -10.43
C ALA D 107 -13.04 -18.16 -11.82
N SER D 108 -13.69 -17.54 -12.77
CA SER D 108 -13.33 -17.65 -14.17
C SER D 108 -13.07 -16.25 -14.69
N LEU D 109 -11.81 -15.93 -14.90
CA LEU D 109 -11.48 -14.56 -15.31
C LEU D 109 -11.19 -14.43 -16.80
N GLU D 110 -11.47 -13.25 -17.33
CA GLU D 110 -11.11 -12.91 -18.70
C GLU D 110 -9.61 -12.59 -18.77
N MET D 111 -9.07 -12.50 -19.98
CA MET D 111 -7.68 -12.13 -20.17
C MET D 111 -7.58 -10.96 -21.10
N PRO D 112 -7.05 -9.83 -20.63
CA PRO D 112 -6.51 -9.60 -19.28
C PRO D 112 -7.61 -9.43 -18.27
N PRO D 113 -7.37 -9.80 -17.01
CA PRO D 113 -8.47 -9.77 -16.04
C PRO D 113 -8.78 -8.38 -15.54
N SER D 114 -9.98 -8.19 -15.05
CA SER D 114 -10.35 -6.99 -14.31
C SER D 114 -9.48 -6.92 -13.07
N TYR D 115 -9.00 -5.73 -12.75
CA TYR D 115 -8.19 -5.53 -11.56
C TYR D 115 -8.91 -6.03 -10.32
N ASN D 116 -10.12 -5.53 -10.10
CA ASN D 116 -10.91 -5.89 -8.94
C ASN D 116 -11.21 -7.38 -8.89
N LYS D 117 -11.59 -7.93 -10.04
CA LYS D 117 -11.96 -9.33 -10.13
C LYS D 117 -10.80 -10.27 -9.86
N LEU D 118 -9.59 -9.87 -10.25
CA LEU D 118 -8.41 -10.68 -9.99
C LEU D 118 -8.12 -10.60 -8.52
N LEU D 119 -8.14 -9.39 -7.98
CA LEU D 119 -8.01 -9.17 -6.53
C LEU D 119 -9.00 -10.04 -5.75
N ASP D 120 -10.30 -9.81 -5.96
CA ASP D 120 -11.35 -10.61 -5.31
C ASP D 120 -11.11 -12.12 -5.45
N SER D 121 -10.61 -12.54 -6.61
CA SER D 121 -10.30 -13.95 -6.82
C SER D 121 -9.18 -14.46 -5.87
N LEU D 122 -8.08 -13.73 -5.79
CA LEU D 122 -6.97 -14.11 -4.92
C LEU D 122 -7.42 -14.12 -3.48
N HIS D 123 -8.29 -13.19 -3.12
CA HIS D 123 -8.85 -13.18 -1.77
C HIS D 123 -9.58 -14.48 -1.51
N ARG D 124 -10.49 -14.82 -2.43
CA ARG D 124 -11.29 -16.04 -2.34
C ARG D 124 -10.42 -17.27 -2.24
N ALA D 125 -9.34 -17.31 -3.00
CA ALA D 125 -8.37 -18.40 -2.88
C ALA D 125 -7.84 -18.44 -1.44
N GLN D 126 -7.72 -17.28 -0.82
CA GLN D 126 -7.14 -17.21 0.51
C GLN D 126 -8.11 -17.73 1.54
N VAL D 127 -9.37 -17.30 1.42
CA VAL D 127 -10.41 -17.81 2.31
C VAL D 127 -10.51 -19.32 2.16
N TYR D 128 -10.50 -19.79 0.92
CA TYR D 128 -10.67 -21.20 0.62
C TYR D 128 -9.60 -22.12 1.22
N ARG D 129 -8.32 -21.78 1.09
CA ARG D 129 -7.24 -22.63 1.62
C ARG D 129 -7.34 -22.83 3.12
N GLU D 130 -7.56 -21.74 3.85
CA GLU D 130 -7.73 -21.77 5.29
C GLU D 130 -8.99 -22.55 5.69
N MET D 131 -10.08 -22.29 4.97
CA MET D 131 -11.37 -22.94 5.23
C MET D 131 -11.30 -24.46 5.24
N TYR D 132 -10.39 -25.03 4.47
CA TYR D 132 -10.27 -26.49 4.46
C TYR D 132 -8.99 -26.99 5.08
N ASP D 133 -8.29 -26.12 5.82
CA ASP D 133 -7.14 -26.55 6.60
C ASP D 133 -7.57 -27.60 7.62
N GLU E 8 30.41 -14.42 16.40
CA GLU E 8 29.49 -14.03 17.49
C GLU E 8 28.74 -12.76 17.09
N THR E 9 27.64 -12.90 16.37
CA THR E 9 26.89 -11.74 15.91
C THR E 9 25.53 -11.61 16.59
N LYS E 10 24.94 -10.42 16.49
CA LYS E 10 23.61 -10.21 16.99
C LYS E 10 22.62 -9.84 15.89
N LEU E 11 21.39 -10.30 16.07
CA LEU E 11 20.26 -9.88 15.27
C LEU E 11 19.74 -8.55 15.78
N LEU E 12 19.45 -7.62 14.89
CA LEU E 12 18.95 -6.34 15.34
C LEU E 12 17.53 -6.18 14.87
N LEU E 13 16.65 -5.92 15.84
CA LEU E 13 15.20 -6.03 15.63
C LEU E 13 14.60 -4.66 15.84
N ILE E 14 14.18 -4.04 14.74
CA ILE E 14 13.63 -2.72 14.80
C ILE E 14 12.19 -2.81 14.40
N ASP E 15 11.27 -2.46 15.32
CA ASP E 15 9.84 -2.69 15.11
C ASP E 15 8.99 -1.93 16.11
N ASP E 16 8.30 -0.90 15.62
CA ASP E 16 7.49 -0.03 16.46
C ASP E 16 6.33 -0.80 17.10
N ASN E 17 5.92 -1.92 16.49
CA ASN E 17 4.90 -2.78 17.11
C ASN E 17 5.53 -3.63 18.21
N LEU E 18 5.40 -3.19 19.44
CA LEU E 18 6.15 -3.75 20.54
C LEU E 18 5.73 -5.21 20.88
N ASP E 19 4.44 -5.51 20.82
CA ASP E 19 3.98 -6.83 21.18
C ASP E 19 4.46 -7.90 20.18
N ARG E 20 4.37 -7.62 18.88
CA ARG E 20 5.01 -8.48 17.90
C ARG E 20 6.51 -8.69 18.11
N SER E 21 7.22 -7.58 18.34
CA SER E 21 8.68 -7.62 18.41
C SER E 21 9.10 -8.40 19.63
N ARG E 22 8.38 -8.21 20.73
CA ARG E 22 8.67 -8.99 21.90
C ARG E 22 8.38 -10.47 21.61
N ASP E 23 7.30 -10.73 20.88
CA ASP E 23 6.97 -12.11 20.53
C ASP E 23 8.09 -12.69 19.68
N LEU E 24 8.58 -11.91 18.73
CA LEU E 24 9.70 -12.36 17.93
C LEU E 24 10.99 -12.61 18.77
N ALA E 25 11.27 -11.72 19.70
CA ALA E 25 12.36 -11.93 20.65
C ALA E 25 12.28 -13.30 21.34
N VAL E 26 11.14 -13.60 21.96
CA VAL E 26 10.94 -14.90 22.60
C VAL E 26 11.36 -16.01 21.63
N ILE E 27 10.95 -15.89 20.38
CA ILE E 27 11.28 -16.95 19.44
C ILE E 27 12.78 -17.00 19.20
N LEU E 28 13.36 -15.85 18.85
CA LEU E 28 14.77 -15.80 18.53
C LEU E 28 15.59 -16.30 19.73
N ASN E 29 15.24 -15.86 20.92
CA ASN E 29 15.92 -16.34 22.12
C ASN E 29 15.83 -17.85 22.28
N PHE E 30 14.66 -18.40 22.02
CA PHE E 30 14.46 -19.83 22.12
C PHE E 30 15.29 -20.54 21.07
N LEU E 31 15.52 -19.89 19.93
CA LEU E 31 16.35 -20.45 18.87
C LEU E 31 17.84 -20.43 19.21
N GLY E 32 18.21 -19.68 20.25
CA GLY E 32 19.61 -19.44 20.58
C GLY E 32 20.24 -18.28 19.78
N GLU E 33 19.41 -17.49 19.10
CA GLU E 33 19.88 -16.32 18.34
C GLU E 33 19.96 -15.07 19.22
N ASP E 34 21.16 -14.52 19.39
CA ASP E 34 21.33 -13.33 20.21
C ASP E 34 20.74 -12.14 19.50
N GLN E 35 20.08 -11.28 20.24
CA GLN E 35 19.27 -10.27 19.59
C GLN E 35 19.15 -9.01 20.42
N LEU E 36 19.10 -7.89 19.72
CA LEU E 36 18.91 -6.61 20.38
C LEU E 36 17.58 -6.08 19.93
N THR E 37 16.76 -5.59 20.85
CA THR E 37 15.44 -5.16 20.45
C THR E 37 15.18 -3.71 20.75
N CYS E 38 14.60 -3.03 19.76
CA CYS E 38 14.37 -1.61 19.86
C CYS E 38 13.33 -1.16 18.83
N ASN E 39 12.93 0.11 18.91
CA ASN E 39 11.99 0.67 17.93
C ASN E 39 12.68 1.69 17.05
N SER E 40 11.88 2.42 16.28
CA SER E 40 12.38 3.29 15.25
C SER E 40 12.91 4.59 15.84
N GLU E 41 12.57 4.84 17.08
CA GLU E 41 13.01 6.05 17.77
C GLU E 41 14.38 5.90 18.43
N ASP E 42 14.57 4.79 19.13
CA ASP E 42 15.77 4.63 19.93
C ASP E 42 16.76 3.68 19.29
N TRP E 43 16.56 3.38 18.00
CA TRP E 43 17.38 2.36 17.38
C TRP E 43 18.85 2.79 17.22
N ARG E 44 19.11 4.09 17.06
CA ARG E 44 20.48 4.58 16.92
C ARG E 44 21.27 4.33 18.20
N GLU E 45 20.73 4.74 19.34
CA GLU E 45 21.33 4.48 20.65
C GLU E 45 21.61 2.99 20.89
N VAL E 46 20.57 2.18 20.71
CA VAL E 46 20.66 0.77 21.03
C VAL E 46 21.71 0.07 20.19
N ALA E 47 21.70 0.32 18.89
CA ALA E 47 22.75 -0.24 18.04
C ALA E 47 24.17 0.34 18.34
N ALA E 48 24.26 1.44 19.08
CA ALA E 48 25.57 2.01 19.42
C ALA E 48 26.32 1.12 20.41
N GLY E 49 25.56 0.39 21.23
CA GLY E 49 26.11 -0.53 22.19
C GLY E 49 26.77 -1.74 21.57
N LEU E 50 26.56 -1.92 20.27
CA LEU E 50 27.35 -2.91 19.55
C LEU E 50 28.78 -2.34 19.49
N SER E 51 29.77 -3.21 19.32
CA SER E 51 31.14 -2.72 19.16
C SER E 51 31.15 -1.90 17.88
N ASN E 52 30.84 -2.56 16.76
CA ASN E 52 30.63 -1.89 15.47
C ASN E 52 29.51 -2.58 14.65
N SER E 53 29.19 -2.03 13.47
CA SER E 53 28.11 -2.54 12.63
C SER E 53 28.38 -3.96 12.19
N ARG E 54 29.64 -4.37 12.16
CA ARG E 54 29.94 -5.75 11.81
C ARG E 54 29.44 -6.74 12.86
N GLU E 55 29.01 -6.24 14.01
CA GLU E 55 28.44 -7.15 15.02
C GLU E 55 26.96 -7.40 14.78
N ALA E 56 26.32 -6.61 13.92
CA ALA E 56 24.93 -6.93 13.58
C ALA E 56 24.99 -7.85 12.38
N LEU E 57 24.44 -9.05 12.55
CA LEU E 57 24.32 -9.95 11.41
C LEU E 57 23.28 -9.42 10.44
N CYS E 58 22.22 -8.82 10.97
CA CYS E 58 20.96 -8.75 10.25
C CYS E 58 20.05 -7.70 10.84
N VAL E 59 19.26 -7.01 10.05
CA VAL E 59 18.19 -6.27 10.68
C VAL E 59 16.89 -6.98 10.41
N LEU E 60 16.06 -7.13 11.44
CA LEU E 60 14.69 -7.59 11.21
C LEU E 60 13.87 -6.33 11.37
N LEU E 61 13.26 -5.90 10.27
CA LEU E 61 12.63 -4.58 10.23
C LEU E 61 11.10 -4.71 10.17
N GLY E 62 10.43 -4.11 11.15
CA GLY E 62 8.98 -4.17 11.25
C GLY E 62 8.36 -2.86 10.84
N SER E 63 7.41 -2.37 11.62
CA SER E 63 6.75 -1.12 11.30
C SER E 63 7.63 0.01 11.83
N VAL E 64 7.71 1.08 11.06
CA VAL E 64 8.52 2.24 11.40
C VAL E 64 7.64 3.49 11.43
N GLU E 65 7.29 3.92 12.62
CA GLU E 65 6.45 5.11 12.83
C GLU E 65 7.27 6.39 12.82
N SER E 66 8.58 6.30 12.57
CA SER E 66 9.40 7.50 12.56
C SER E 66 9.17 8.26 11.26
N LYS E 67 9.54 9.54 11.25
CA LYS E 67 9.42 10.40 10.08
C LYS E 67 10.14 9.80 8.89
N GLY E 68 9.50 9.84 7.73
CA GLY E 68 10.11 9.30 6.52
C GLY E 68 9.84 7.81 6.39
N GLY E 69 9.33 7.23 7.46
CA GLY E 69 8.92 5.83 7.45
C GLY E 69 10.04 4.86 7.26
N ALA E 70 9.69 3.62 6.92
CA ALA E 70 10.67 2.55 6.87
C ALA E 70 11.74 2.78 5.80
N VAL E 71 11.32 3.28 4.64
CA VAL E 71 12.25 3.66 3.59
C VAL E 71 13.40 4.47 4.15
N GLU E 72 13.08 5.46 4.98
CA GLU E 72 14.09 6.34 5.53
C GLU E 72 14.96 5.58 6.52
N LEU E 73 14.36 4.66 7.27
CA LEU E 73 15.13 3.79 8.14
C LEU E 73 16.13 3.02 7.28
N LEU E 74 15.63 2.38 6.23
CA LEU E 74 16.49 1.61 5.32
C LEU E 74 17.63 2.41 4.73
N LYS E 75 17.42 3.69 4.41
CA LYS E 75 18.55 4.50 3.90
C LYS E 75 19.61 4.65 4.99
N GLN E 76 19.21 5.23 6.12
CA GLN E 76 20.05 5.30 7.32
C GLN E 76 20.79 3.97 7.57
N LEU E 77 20.07 2.85 7.55
CA LEU E 77 20.73 1.55 7.70
C LEU E 77 21.79 1.28 6.61
N ALA E 78 21.45 1.44 5.34
CA ALA E 78 22.45 1.28 4.27
C ALA E 78 23.68 2.20 4.48
N SER E 79 23.41 3.42 4.93
CA SER E 79 24.43 4.43 5.13
C SER E 79 25.35 4.07 6.31
N TRP E 80 24.74 3.56 7.39
CA TRP E 80 25.45 2.99 8.54
C TRP E 80 26.42 1.90 8.11
N ASP E 81 25.91 0.98 7.29
CA ASP E 81 26.68 -0.17 6.83
C ASP E 81 25.95 -0.69 5.61
N GLU E 82 26.62 -0.70 4.47
CA GLU E 82 25.96 -1.00 3.22
C GLU E 82 25.89 -2.50 2.96
N TYR E 83 26.57 -3.28 3.80
CA TYR E 83 26.53 -4.73 3.69
C TYR E 83 25.76 -5.36 4.86
N LEU E 84 24.85 -4.58 5.42
CA LEU E 84 23.92 -5.08 6.43
C LEU E 84 22.64 -5.57 5.79
N PRO E 85 22.48 -6.90 5.67
CA PRO E 85 21.24 -7.56 5.24
C PRO E 85 20.02 -7.07 6.00
N ILE E 86 18.87 -7.14 5.34
CA ILE E 86 17.62 -6.74 5.94
C ILE E 86 16.65 -7.89 5.76
N LEU E 87 15.92 -8.22 6.82
CA LEU E 87 14.80 -9.15 6.76
C LEU E 87 13.55 -8.35 7.08
N LEU E 88 12.55 -8.43 6.24
CA LEU E 88 11.30 -7.75 6.51
C LEU E 88 10.37 -8.64 7.34
N ILE E 89 9.60 -8.05 8.26
CA ILE E 89 8.64 -8.85 9.03
C ILE E 89 7.18 -8.40 8.83
N GLY E 90 6.33 -9.34 8.44
CA GLY E 90 4.91 -9.07 8.24
C GLY E 90 4.48 -8.53 6.90
N GLU E 91 5.41 -8.18 6.03
CA GLU E 91 5.11 -7.62 4.71
C GLU E 91 6.09 -8.04 3.65
N PRO E 92 5.62 -8.19 2.42
CA PRO E 92 6.60 -8.15 1.35
C PRO E 92 7.19 -6.75 1.25
N ALA E 93 8.39 -6.63 0.72
CA ALA E 93 8.97 -5.31 0.45
C ALA E 93 8.09 -4.52 -0.52
N PRO E 94 7.55 -3.38 -0.06
CA PRO E 94 6.75 -2.46 -0.87
C PRO E 94 7.45 -2.12 -2.17
N ALA E 95 6.78 -2.42 -3.28
CA ALA E 95 7.29 -2.14 -4.62
C ALA E 95 7.81 -0.71 -4.77
N ASP E 96 7.19 0.27 -4.12
CA ASP E 96 7.57 1.68 -4.30
C ASP E 96 8.90 2.05 -3.60
N TRP E 97 9.40 1.20 -2.70
CA TRP E 97 10.75 1.41 -2.14
C TRP E 97 11.77 1.37 -3.27
N PRO E 98 12.76 2.29 -3.25
CA PRO E 98 13.85 2.33 -4.21
C PRO E 98 14.57 1.00 -4.40
N GLU E 99 15.15 0.80 -5.58
CA GLU E 99 15.82 -0.44 -5.94
C GLU E 99 17.09 -0.78 -5.16
N GLU E 100 17.97 0.19 -4.93
CA GLU E 100 19.22 -0.13 -4.24
C GLU E 100 18.92 -0.64 -2.83
N LEU E 101 17.94 -0.03 -2.18
CA LEU E 101 17.55 -0.44 -0.85
C LEU E 101 16.88 -1.83 -0.85
N ARG E 102 16.08 -2.13 -1.87
CA ARG E 102 15.37 -3.41 -1.93
C ARG E 102 16.37 -4.52 -2.20
N ARG E 103 17.51 -4.16 -2.75
CA ARG E 103 18.58 -5.11 -3.03
C ARG E 103 19.16 -5.75 -1.75
N ARG E 104 18.94 -5.13 -0.59
CA ARG E 104 19.49 -5.73 0.64
C ARG E 104 18.43 -6.52 1.38
N VAL E 105 17.22 -6.57 0.83
CA VAL E 105 16.16 -7.28 1.53
C VAL E 105 16.15 -8.73 1.05
N LEU E 106 16.61 -9.62 1.92
CA LEU E 106 16.84 -11.02 1.59
C LEU E 106 15.57 -11.87 1.73
N ALA E 107 14.63 -11.39 2.53
CA ALA E 107 13.41 -12.12 2.77
C ALA E 107 12.34 -11.29 3.43
N SER E 108 11.15 -11.88 3.42
CA SER E 108 9.99 -11.39 4.11
C SER E 108 9.39 -12.53 4.91
N LEU E 109 8.99 -12.21 6.13
CA LEU E 109 8.51 -13.22 7.05
C LEU E 109 7.04 -13.00 7.39
N GLU E 110 6.22 -14.01 7.16
CA GLU E 110 4.85 -13.97 7.62
C GLU E 110 4.83 -14.07 9.14
N MET E 111 3.98 -13.27 9.77
CA MET E 111 3.82 -13.26 11.21
C MET E 111 2.46 -13.84 11.60
N PRO E 112 2.42 -14.75 12.60
CA PRO E 112 3.54 -15.39 13.33
C PRO E 112 4.40 -16.24 12.41
N PRO E 113 5.70 -16.39 12.75
CA PRO E 113 6.71 -17.04 11.92
C PRO E 113 6.54 -18.52 11.82
N SER E 114 6.75 -19.01 10.60
CA SER E 114 6.90 -20.43 10.33
C SER E 114 8.27 -20.84 10.83
N TYR E 115 8.41 -22.09 11.24
CA TYR E 115 9.71 -22.63 11.63
C TYR E 115 10.71 -22.51 10.48
N ASN E 116 10.31 -22.96 9.30
CA ASN E 116 11.24 -23.11 8.19
C ASN E 116 11.61 -21.80 7.51
N LYS E 117 10.65 -20.88 7.39
CA LYS E 117 10.94 -19.59 6.80
C LYS E 117 11.97 -18.84 7.63
N LEU E 118 11.82 -18.92 8.94
CA LEU E 118 12.66 -18.15 9.82
C LEU E 118 14.08 -18.68 9.80
N LEU E 119 14.24 -20.00 9.77
CA LEU E 119 15.59 -20.56 9.74
C LEU E 119 16.25 -20.33 8.40
N ASP E 120 15.48 -20.57 7.34
CA ASP E 120 15.92 -20.29 5.98
C ASP E 120 16.45 -18.85 5.84
N SER E 121 15.74 -17.92 6.46
CA SER E 121 16.06 -16.52 6.37
C SER E 121 17.36 -16.18 7.12
N LEU E 122 17.43 -16.59 8.39
CA LEU E 122 18.66 -16.42 9.17
C LEU E 122 19.85 -17.03 8.43
N HIS E 123 19.65 -18.21 7.87
CA HIS E 123 20.70 -18.86 7.09
C HIS E 123 21.15 -17.97 5.93
N ARG E 124 20.21 -17.43 5.17
CA ARG E 124 20.57 -16.58 4.05
C ARG E 124 21.22 -15.23 4.45
N ALA E 125 20.87 -14.70 5.62
CA ALA E 125 21.52 -13.48 6.10
C ALA E 125 22.96 -13.80 6.52
N GLN E 126 23.11 -14.98 7.12
CA GLN E 126 24.42 -15.53 7.40
C GLN E 126 25.25 -15.57 6.15
N VAL E 127 24.70 -16.19 5.11
CA VAL E 127 25.47 -16.41 3.90
C VAL E 127 25.82 -15.09 3.20
N TYR E 128 24.89 -14.15 3.21
CA TYR E 128 25.10 -12.79 2.71
C TYR E 128 26.22 -12.03 3.44
N ARG E 129 26.11 -11.91 4.76
CA ARG E 129 27.14 -11.23 5.56
C ARG E 129 28.49 -11.92 5.41
N GLU E 130 28.48 -13.23 5.54
CA GLU E 130 29.69 -14.03 5.43
C GLU E 130 30.37 -13.82 4.09
N MET E 131 29.60 -13.88 3.01
CA MET E 131 30.16 -13.80 1.66
C MET E 131 30.95 -12.50 1.44
N TYR E 132 30.36 -11.37 1.82
CA TYR E 132 30.96 -10.08 1.49
C TYR E 132 32.09 -9.70 2.46
N ASP E 133 32.04 -10.28 3.67
CA ASP E 133 33.10 -10.22 4.68
C ASP E 133 34.13 -9.09 4.53
#